data_1RUO
#
_entry.id   1RUO
#
_cell.length_a   137.290
_cell.length_b   153.100
_cell.length_c   76.200
_cell.angle_alpha   90.00
_cell.angle_beta   90.00
_cell.angle_gamma   90.00
#
_symmetry.space_group_name_H-M   'C 2 2 21'
#
loop_
_entity.id
_entity.type
_entity.pdbx_description
1 polymer "DNA (5'-D(*GP*CP*GP*AP*AP*AP*AP*AP*TP*GP*TP*GP*AP*T)-3')"
2 polymer "DNA (5'-D(*CP*TP*AP*GP*AP*TP*CP*AP*CP*AP*TP*TP*TP*TP*TP*CP*G )-3')"
3 polymer 'PROTEIN (CATABOLITE GENE ACTIVATOR PROTEIN (CAP))'
4 non-polymer "ADENOSINE-3',5'-CYCLIC-MONOPHOSPHATE"
5 water water
#
loop_
_entity_poly.entity_id
_entity_poly.type
_entity_poly.pdbx_seq_one_letter_code
_entity_poly.pdbx_strand_id
1 'polydeoxyribonucleotide' (DG)(DC)(DG)(DA)(DA)(DA)(DA)(DA)(DT)(DG)(DT)(DG)(DA)(DT) C,E
2 'polydeoxyribonucleotide' (DC)(DT)(DA)(DG)(DA)(DT)(DC)(DA)(DC)(DA)(DT)(DT)(DT)(DT)(DT)(DC)(DG) D,F
3 'polypeptide(L)'
;VLGKPQTDPTLEWFLSHCHIHKYPSKSTLIHQGEKAETLYYIVKGSVAVLIKDEEGKEMILSYLNQGDFIGELGLFEEGQ
ERSAWVRAKTACEVAEISYKKFRQLIQVNPDILMRLSAQMARRLQVTSEKVGNLAFLDVTGRIAQTLLNLAKQPDAMTHP
DGMQIKITRQEIGQIVGCSRFTVGRILKMLEDQNLISAHGKTIVVYGTR
;
A,B
#
loop_
_chem_comp.id
_chem_comp.type
_chem_comp.name
_chem_comp.formula
CMP non-polymer ADENOSINE-3',5'-CYCLIC-MONOPHOSPHATE 'C10 H12 N5 O6 P'
DA DNA linking 2'-DEOXYADENOSINE-5'-MONOPHOSPHATE 'C10 H14 N5 O6 P'
DC DNA linking 2'-DEOXYCYTIDINE-5'-MONOPHOSPHATE 'C9 H14 N3 O7 P'
DG DNA linking 2'-DEOXYGUANOSINE-5'-MONOPHOSPHATE 'C10 H14 N5 O7 P'
DT DNA linking THYMIDINE-5'-MONOPHOSPHATE 'C10 H15 N2 O8 P'
#
# COMPACT_ATOMS: atom_id res chain seq x y z
N PRO E 9 -19.77 21.27 -10.89
CA PRO E 9 -18.47 20.56 -10.71
C PRO E 9 -18.76 19.06 -10.55
N THR E 10 -17.75 18.26 -10.82
CA THR E 10 -17.81 16.79 -10.82
C THR E 10 -18.38 16.09 -9.55
N LEU E 11 -17.83 16.46 -8.39
CA LEU E 11 -18.19 15.92 -7.08
C LEU E 11 -19.64 16.21 -6.72
N GLU E 12 -20.31 17.04 -7.53
CA GLU E 12 -21.74 17.27 -7.42
C GLU E 12 -22.48 16.71 -8.66
N TRP E 13 -21.75 16.61 -9.78
CA TRP E 13 -22.23 16.06 -11.05
C TRP E 13 -22.45 14.55 -10.93
N PHE E 14 -21.32 13.85 -10.78
CA PHE E 14 -21.27 12.40 -10.63
C PHE E 14 -22.17 12.13 -9.43
N LEU E 15 -22.09 13.00 -8.42
CA LEU E 15 -22.95 12.89 -7.24
C LEU E 15 -24.40 12.86 -7.63
N SER E 16 -24.77 13.61 -8.67
CA SER E 16 -26.14 13.52 -9.19
C SER E 16 -26.42 12.05 -9.62
N HIS E 17 -25.59 11.56 -10.54
CA HIS E 17 -25.76 10.23 -11.19
C HIS E 17 -25.85 9.02 -10.26
N CYS E 18 -25.21 9.10 -9.09
CA CYS E 18 -25.16 8.01 -8.11
C CYS E 18 -26.45 7.72 -7.37
N HIS E 19 -26.38 6.79 -6.39
CA HIS E 19 -27.54 6.41 -5.57
C HIS E 19 -27.32 6.17 -4.06
N ILE E 20 -27.62 7.24 -3.31
CA ILE E 20 -27.53 7.39 -1.86
C ILE E 20 -28.26 6.35 -0.96
N HIS E 21 -27.50 5.69 -0.09
CA HIS E 21 -28.06 4.69 0.84
C HIS E 21 -27.52 4.95 2.22
N LYS E 22 -28.34 4.72 3.24
CA LYS E 22 -27.83 4.82 4.60
C LYS E 22 -27.46 3.42 5.03
N TYR E 23 -26.44 3.33 5.89
CA TYR E 23 -25.98 2.08 6.46
C TYR E 23 -25.74 2.44 7.92
N PRO E 24 -26.22 1.59 8.87
CA PRO E 24 -26.30 1.94 10.30
C PRO E 24 -24.94 1.88 10.97
N SER E 25 -24.94 2.08 12.28
CA SER E 25 -23.69 2.07 13.01
C SER E 25 -23.17 0.65 13.22
N LYS E 26 -22.58 0.10 12.16
CA LYS E 26 -21.90 -1.21 12.08
C LYS E 26 -22.17 -2.05 10.83
N SER E 27 -23.03 -1.58 9.91
CA SER E 27 -23.26 -2.56 8.81
C SER E 27 -21.97 -2.88 8.03
N THR E 28 -21.75 -4.17 7.73
CA THR E 28 -20.53 -4.62 7.03
C THR E 28 -20.69 -4.24 5.55
N LEU E 29 -20.47 -2.95 5.30
CA LEU E 29 -20.52 -2.23 4.00
C LEU E 29 -20.07 -2.95 2.70
N ILE E 30 -18.91 -3.61 2.70
CA ILE E 30 -18.38 -4.41 1.56
C ILE E 30 -17.67 -5.62 2.21
N HIS E 31 -17.28 -6.62 1.43
CA HIS E 31 -16.77 -7.87 2.01
C HIS E 31 -15.65 -8.40 1.15
N GLN E 32 -14.54 -8.82 1.77
CA GLN E 32 -13.42 -9.39 1.03
C GLN E 32 -13.91 -10.68 0.33
N GLY E 33 -13.04 -11.31 -0.47
CA GLY E 33 -13.35 -12.54 -1.17
C GLY E 33 -14.18 -12.39 -2.46
N GLU E 34 -15.13 -11.46 -2.39
CA GLU E 34 -16.24 -11.23 -3.33
C GLU E 34 -15.90 -10.68 -4.70
N LYS E 35 -16.86 -10.02 -5.37
CA LYS E 35 -16.69 -9.58 -6.78
C LYS E 35 -16.93 -8.10 -7.10
N ALA E 36 -15.89 -7.51 -7.66
CA ALA E 36 -15.80 -6.11 -8.02
C ALA E 36 -16.97 -5.57 -8.83
N GLU E 37 -18.06 -5.20 -8.17
CA GLU E 37 -19.21 -4.63 -8.86
C GLU E 37 -19.38 -3.07 -8.87
N THR E 38 -19.85 -2.50 -7.77
CA THR E 38 -20.10 -1.07 -7.67
C THR E 38 -18.87 -0.27 -7.11
N LEU E 39 -18.82 1.02 -7.43
CA LEU E 39 -17.77 1.92 -6.99
C LEU E 39 -18.53 2.95 -6.12
N TYR E 40 -18.14 3.00 -4.84
CA TYR E 40 -18.87 3.70 -3.75
C TYR E 40 -18.24 5.03 -3.35
N TYR E 41 -19.01 5.88 -2.68
CA TYR E 41 -18.57 7.20 -2.29
C TYR E 41 -19.31 7.60 -1.02
N ILE E 42 -18.51 7.84 0.02
CA ILE E 42 -18.94 8.22 1.36
C ILE E 42 -19.62 9.60 1.35
N VAL E 43 -20.93 9.66 1.12
CA VAL E 43 -21.60 10.96 1.10
C VAL E 43 -21.72 11.57 2.46
N LYS E 44 -21.64 10.75 3.50
CA LYS E 44 -21.63 11.25 4.89
C LYS E 44 -20.96 10.14 5.68
N GLY E 45 -20.24 10.48 6.74
CA GLY E 45 -19.62 9.47 7.59
C GLY E 45 -18.17 9.09 7.36
N SER E 46 -17.82 7.89 7.79
CA SER E 46 -16.47 7.35 7.77
C SER E 46 -16.61 5.83 7.60
N VAL E 47 -15.50 5.09 7.64
CA VAL E 47 -15.51 3.68 7.30
C VAL E 47 -14.26 2.98 7.90
N ALA E 48 -14.20 1.64 7.88
CA ALA E 48 -13.06 0.95 8.45
C ALA E 48 -12.60 -0.22 7.61
N VAL E 49 -11.78 0.07 6.62
CA VAL E 49 -11.17 -0.99 5.85
C VAL E 49 -10.44 -1.87 6.86
N LEU E 50 -10.89 -3.10 7.04
CA LEU E 50 -10.13 -4.04 7.84
C LEU E 50 -10.01 -5.42 7.14
N ILE E 51 -8.80 -5.96 7.11
CA ILE E 51 -8.60 -7.28 6.54
C ILE E 51 -8.69 -8.24 7.72
N LYS E 52 -8.47 -9.53 7.46
CA LYS E 52 -8.65 -10.55 8.48
C LYS E 52 -7.48 -11.53 8.57
N ASP E 53 -7.17 -11.87 9.82
CA ASP E 53 -6.15 -12.85 10.21
C ASP E 53 -6.63 -14.24 9.86
N GLU E 54 -5.65 -15.13 9.67
CA GLU E 54 -5.83 -16.53 9.21
C GLU E 54 -7.22 -17.08 9.48
N GLU E 55 -7.63 -17.08 10.74
CA GLU E 55 -9.06 -17.10 11.01
C GLU E 55 -9.25 -16.37 12.28
N GLY E 56 -10.01 -15.29 12.21
CA GLY E 56 -10.13 -14.43 13.36
C GLY E 56 -9.69 -12.95 13.23
N LYS E 57 -8.67 -12.51 13.97
CA LYS E 57 -8.47 -11.09 14.19
C LYS E 57 -8.24 -10.10 13.04
N GLU E 58 -8.90 -8.97 13.18
CA GLU E 58 -8.86 -7.94 12.19
C GLU E 58 -7.68 -7.01 12.42
N MET E 59 -7.26 -6.36 11.33
CA MET E 59 -6.26 -5.30 11.38
C MET E 59 -6.76 -4.20 10.50
N ILE E 60 -7.06 -3.05 11.11
CA ILE E 60 -7.48 -1.89 10.36
C ILE E 60 -6.31 -1.45 9.51
N LEU E 61 -6.58 -1.22 8.22
CA LEU E 61 -5.59 -0.75 7.24
C LEU E 61 -5.83 0.70 6.93
N SER E 62 -6.96 1.22 7.39
CA SER E 62 -7.37 2.55 7.07
C SER E 62 -8.72 2.85 7.67
N TYR E 63 -9.11 4.09 7.58
CA TYR E 63 -10.42 4.55 7.85
C TYR E 63 -10.55 5.41 6.56
N LEU E 64 -11.74 5.78 6.16
CA LEU E 64 -11.91 6.63 4.99
C LEU E 64 -13.13 7.38 5.43
N ASN E 65 -13.11 8.71 5.33
CA ASN E 65 -14.23 9.49 5.82
C ASN E 65 -15.04 10.13 4.73
N GLN E 66 -15.86 11.08 5.15
CA GLN E 66 -16.64 11.92 4.27
C GLN E 66 -15.85 12.27 3.02
N GLY E 67 -16.34 11.83 1.87
CA GLY E 67 -15.73 12.16 0.60
C GLY E 67 -14.60 11.30 0.06
N ASP E 68 -14.22 10.23 0.76
CA ASP E 68 -13.17 9.31 0.21
C ASP E 68 -13.87 8.36 -0.79
N PHE E 69 -13.12 7.42 -1.40
CA PHE E 69 -13.70 6.48 -2.36
C PHE E 69 -13.56 5.05 -1.93
N ILE E 70 -14.57 4.22 -2.18
CA ILE E 70 -14.50 2.81 -1.80
C ILE E 70 -14.63 1.88 -3.01
N GLY E 71 -13.88 0.79 -2.95
CA GLY E 71 -13.86 -0.18 -4.03
C GLY E 71 -13.68 0.53 -5.34
N GLU E 72 -12.44 0.95 -5.58
CA GLU E 72 -12.07 1.46 -6.91
C GLU E 72 -11.15 0.42 -7.52
N LEU E 73 -10.35 -0.21 -6.67
CA LEU E 73 -9.35 -1.19 -7.06
C LEU E 73 -9.94 -2.33 -7.90
N GLY E 74 -11.27 -2.36 -8.00
CA GLY E 74 -11.94 -3.26 -8.92
C GLY E 74 -11.75 -2.73 -10.34
N LEU E 75 -12.21 -1.51 -10.57
CA LEU E 75 -12.19 -0.80 -11.85
C LEU E 75 -11.36 -1.10 -13.13
N PHE E 76 -10.06 -1.43 -13.06
CA PHE E 76 -9.22 -1.44 -14.30
C PHE E 76 -8.76 -2.78 -14.98
N GLU E 77 -9.30 -3.89 -14.50
CA GLU E 77 -9.12 -5.21 -15.12
C GLU E 77 -10.52 -5.79 -14.87
N GLU E 78 -10.70 -7.11 -14.78
CA GLU E 78 -12.05 -7.65 -14.54
C GLU E 78 -12.05 -8.98 -13.79
N GLY E 79 -13.17 -9.26 -13.11
CA GLY E 79 -13.25 -10.46 -12.28
C GLY E 79 -12.47 -10.38 -10.97
N GLN E 80 -12.11 -9.15 -10.56
CA GLN E 80 -11.32 -8.96 -9.35
C GLN E 80 -12.05 -9.16 -8.02
N GLU E 81 -11.60 -10.20 -7.31
CA GLU E 81 -12.19 -10.59 -6.04
C GLU E 81 -11.96 -9.50 -4.96
N ARG E 82 -13.03 -8.91 -4.43
CA ARG E 82 -12.96 -7.79 -3.48
C ARG E 82 -11.89 -7.92 -2.45
N SER E 83 -11.23 -6.80 -2.20
CA SER E 83 -9.92 -6.75 -1.50
C SER E 83 -9.78 -6.81 0.05
N ALA E 84 -10.71 -6.17 0.77
CA ALA E 84 -10.81 -6.23 2.22
C ALA E 84 -12.20 -5.85 2.61
N TRP E 85 -12.65 -6.36 3.75
CA TRP E 85 -13.97 -5.95 4.23
C TRP E 85 -13.89 -4.44 4.46
N VAL E 86 -15.02 -3.76 4.32
CA VAL E 86 -15.15 -2.36 4.66
C VAL E 86 -16.43 -2.32 5.48
N ARG E 87 -16.32 -2.03 6.77
CA ARG E 87 -17.47 -1.95 7.70
C ARG E 87 -17.69 -0.51 8.15
N ALA E 88 -18.92 -0.02 8.12
CA ALA E 88 -19.15 1.37 8.52
C ALA E 88 -18.68 1.57 9.94
N LYS E 89 -18.26 2.77 10.25
CA LYS E 89 -17.74 3.02 11.59
C LYS E 89 -18.80 3.77 12.32
N THR E 90 -19.71 4.35 11.55
CA THR E 90 -20.92 4.97 12.05
C THR E 90 -21.82 5.25 10.88
N ALA E 91 -23.04 5.68 11.18
CA ALA E 91 -24.08 5.92 10.18
C ALA E 91 -23.50 6.71 9.05
N CYS E 92 -22.89 6.03 8.08
CA CYS E 92 -22.28 6.70 6.97
C CYS E 92 -23.17 6.51 5.78
N GLU E 93 -23.29 7.53 4.94
CA GLU E 93 -24.28 7.55 3.85
C GLU E 93 -23.73 7.26 2.44
N VAL E 94 -23.51 5.98 2.15
CA VAL E 94 -22.90 5.60 0.89
C VAL E 94 -23.71 5.88 -0.37
N ALA E 95 -23.16 6.72 -1.25
CA ALA E 95 -23.78 7.02 -2.55
C ALA E 95 -23.11 6.25 -3.68
N GLU E 96 -23.63 5.06 -3.99
CA GLU E 96 -23.09 4.15 -5.01
C GLU E 96 -23.32 4.52 -6.50
N ILE E 97 -22.31 4.45 -7.38
CA ILE E 97 -22.60 4.40 -8.86
C ILE E 97 -22.32 2.99 -9.45
N SER E 98 -21.60 2.87 -10.57
CA SER E 98 -21.41 1.55 -11.21
C SER E 98 -20.12 1.51 -12.00
N TYR E 99 -19.45 0.35 -12.03
CA TYR E 99 -18.20 0.24 -12.76
C TYR E 99 -18.46 0.49 -14.23
N LYS E 100 -19.35 -0.32 -14.79
CA LYS E 100 -19.80 -0.18 -16.16
C LYS E 100 -20.25 1.29 -16.31
N LYS E 101 -21.15 1.75 -15.45
CA LYS E 101 -21.55 3.16 -15.49
C LYS E 101 -20.57 4.06 -14.71
N PHE E 102 -19.28 3.82 -14.94
CA PHE E 102 -18.24 4.76 -14.50
C PHE E 102 -17.41 5.08 -15.73
N ARG E 103 -17.01 4.04 -16.48
CA ARG E 103 -16.19 4.21 -17.69
C ARG E 103 -16.80 5.22 -18.67
N GLN E 104 -18.11 5.07 -18.90
CA GLN E 104 -18.84 6.01 -19.74
C GLN E 104 -18.67 7.40 -19.12
N LEU E 105 -19.03 7.51 -17.84
CA LEU E 105 -18.86 8.74 -17.07
C LEU E 105 -17.46 9.31 -17.30
N ILE E 106 -16.50 8.40 -17.33
CA ILE E 106 -15.09 8.75 -17.34
C ILE E 106 -14.55 9.34 -18.65
N GLN E 107 -15.31 9.22 -19.74
CA GLN E 107 -14.85 9.80 -21.00
C GLN E 107 -15.58 11.10 -21.41
N VAL E 108 -16.66 11.43 -20.71
CA VAL E 108 -17.27 12.76 -20.88
C VAL E 108 -16.63 13.62 -19.78
N ASN E 109 -15.71 13.03 -19.03
CA ASN E 109 -14.97 13.74 -18.00
C ASN E 109 -13.80 12.96 -17.45
N PRO E 110 -12.56 13.42 -17.72
CA PRO E 110 -11.37 12.90 -17.04
C PRO E 110 -11.10 13.40 -15.61
N ASP E 111 -11.73 14.50 -15.20
CA ASP E 111 -11.47 15.05 -13.86
C ASP E 111 -11.63 14.02 -12.74
N ILE E 112 -12.64 13.14 -12.81
CA ILE E 112 -12.80 12.13 -11.76
C ILE E 112 -12.08 10.83 -12.05
N LEU E 113 -11.43 10.74 -13.19
CA LEU E 113 -10.51 9.63 -13.35
C LEU E 113 -9.42 10.03 -12.39
N MET E 114 -9.14 11.35 -12.41
CA MET E 114 -8.08 11.99 -11.65
C MET E 114 -8.32 11.82 -10.17
N ARG E 115 -9.37 12.43 -9.62
CA ARG E 115 -9.55 12.39 -8.16
C ARG E 115 -9.50 11.01 -7.56
N LEU E 116 -10.17 10.05 -8.19
CA LEU E 116 -10.11 8.65 -7.71
C LEU E 116 -8.61 8.26 -7.64
N SER E 117 -7.87 8.59 -8.70
CA SER E 117 -6.45 8.25 -8.86
C SER E 117 -5.54 9.02 -7.87
N ALA E 118 -6.05 10.12 -7.33
CA ALA E 118 -5.30 10.97 -6.43
C ALA E 118 -5.37 10.33 -5.04
N GLN E 119 -6.60 9.96 -4.67
CA GLN E 119 -6.89 9.15 -3.49
C GLN E 119 -6.05 7.87 -3.59
N MET E 120 -6.06 7.23 -4.75
CA MET E 120 -5.31 5.98 -4.87
C MET E 120 -3.87 6.18 -4.51
N ALA E 121 -3.33 7.30 -4.95
CA ALA E 121 -1.94 7.63 -4.68
C ALA E 121 -1.75 7.92 -3.20
N ARG E 122 -2.61 8.76 -2.62
CA ARG E 122 -2.44 9.15 -1.21
C ARG E 122 -2.42 7.89 -0.38
N ARG E 123 -3.27 6.92 -0.74
CA ARG E 123 -3.39 5.71 0.08
C ARG E 123 -2.20 4.80 -0.01
N LEU E 124 -1.63 4.64 -1.20
CA LEU E 124 -0.42 3.82 -1.32
C LEU E 124 0.74 4.49 -0.53
N GLN E 125 0.72 5.83 -0.40
CA GLN E 125 1.73 6.58 0.38
C GLN E 125 1.61 6.15 1.84
N VAL E 126 0.44 6.36 2.46
CA VAL E 126 0.28 5.93 3.86
C VAL E 126 0.27 4.42 4.10
N THR E 127 -0.04 3.64 3.08
CA THR E 127 0.03 2.21 3.23
C THR E 127 1.47 1.80 3.24
N SER E 128 2.31 2.45 2.44
CA SER E 128 3.75 2.16 2.37
C SER E 128 4.36 2.43 3.71
N GLU E 129 3.86 3.48 4.35
CA GLU E 129 4.27 3.81 5.69
C GLU E 129 4.02 2.64 6.65
N LYS E 130 2.77 2.16 6.74
CA LYS E 130 2.46 1.00 7.57
C LYS E 130 3.51 -0.08 7.38
N VAL E 131 3.75 -0.51 6.15
CA VAL E 131 4.80 -1.51 5.91
C VAL E 131 6.16 -1.10 6.51
N GLY E 132 6.41 0.20 6.59
CA GLY E 132 7.63 0.70 7.20
C GLY E 132 7.62 0.68 8.72
N ASN E 133 6.61 1.27 9.37
CA ASN E 133 6.43 1.23 10.85
C ASN E 133 6.31 -0.16 11.46
N LEU E 134 5.87 -1.17 10.73
CA LEU E 134 5.72 -2.50 11.32
C LEU E 134 7.08 -3.18 11.35
N ALA E 135 7.93 -2.86 10.41
CA ALA E 135 9.22 -3.47 10.42
C ALA E 135 10.33 -2.57 10.99
N PHE E 136 10.09 -1.27 11.19
CA PHE E 136 11.11 -0.29 11.68
C PHE E 136 10.86 0.25 13.04
N LEU E 137 9.91 -0.31 13.75
CA LEU E 137 9.52 0.33 14.98
C LEU E 137 8.92 -0.67 16.00
N ASP E 138 9.26 -0.47 17.26
CA ASP E 138 8.84 -1.31 18.34
C ASP E 138 7.40 -0.89 18.61
N VAL E 139 6.69 -1.67 19.44
CA VAL E 139 5.26 -1.47 19.67
C VAL E 139 4.88 -0.11 20.28
N THR E 140 5.53 0.26 21.37
CA THR E 140 5.26 1.56 21.98
C THR E 140 5.38 2.60 20.88
N GLY E 141 6.31 2.33 19.95
CA GLY E 141 6.58 3.23 18.84
C GLY E 141 5.37 3.36 17.95
N ARG E 142 4.78 2.23 17.56
CA ARG E 142 3.65 2.29 16.65
C ARG E 142 2.51 2.88 17.36
N ILE E 143 2.46 2.69 18.69
CA ILE E 143 1.37 3.24 19.53
C ILE E 143 1.46 4.77 19.61
N ALA E 144 2.68 5.27 19.72
CA ALA E 144 2.94 6.71 19.77
C ALA E 144 2.54 7.37 18.47
N GLN E 145 3.01 6.81 17.35
CA GLN E 145 2.70 7.35 16.03
C GLN E 145 1.22 7.32 15.76
N THR E 146 0.59 6.17 15.98
CA THR E 146 -0.86 6.07 15.81
C THR E 146 -1.69 7.16 16.52
N LEU E 147 -1.54 7.31 17.85
CA LEU E 147 -2.27 8.33 18.59
C LEU E 147 -1.99 9.68 17.93
N LEU E 148 -0.77 9.83 17.42
CA LEU E 148 -0.42 11.03 16.69
C LEU E 148 -1.32 11.16 15.47
N ASN E 149 -1.37 10.15 14.57
CA ASN E 149 -2.27 10.14 13.38
C ASN E 149 -3.77 10.27 13.64
N LEU E 150 -4.31 9.50 14.57
CA LEU E 150 -5.74 9.61 14.88
C LEU E 150 -6.06 11.00 15.41
N ALA E 151 -5.16 11.61 16.18
CA ALA E 151 -5.48 12.92 16.73
C ALA E 151 -5.48 13.95 15.63
N LYS E 152 -5.05 13.51 14.44
CA LYS E 152 -4.85 14.34 13.24
C LYS E 152 -5.89 14.04 12.15
N GLN E 153 -6.98 13.41 12.52
CA GLN E 153 -8.03 13.04 11.57
C GLN E 153 -9.29 13.69 12.15
N PRO E 154 -10.37 13.77 11.36
CA PRO E 154 -11.58 14.50 11.72
C PRO E 154 -12.41 14.18 12.96
N ASP E 155 -12.49 12.92 13.38
CA ASP E 155 -13.34 12.68 14.53
C ASP E 155 -12.67 13.22 15.81
N ALA E 156 -11.37 13.51 15.71
CA ALA E 156 -10.57 14.04 16.83
C ALA E 156 -11.20 15.32 17.31
N MET E 157 -11.39 15.48 18.63
CA MET E 157 -11.98 16.74 19.12
C MET E 157 -10.96 17.50 19.93
N THR E 158 -10.58 18.64 19.37
CA THR E 158 -9.71 19.64 19.98
C THR E 158 -10.04 19.82 21.47
N HIS E 159 -9.00 19.83 22.28
CA HIS E 159 -9.15 19.88 23.72
C HIS E 159 -8.18 20.95 24.20
N PRO E 160 -8.49 21.65 25.33
CA PRO E 160 -7.62 22.61 26.03
C PRO E 160 -6.13 22.36 25.94
N ASP E 161 -5.79 21.09 25.85
CA ASP E 161 -4.42 20.68 25.59
C ASP E 161 -4.68 19.48 24.72
N GLY E 162 -3.81 19.31 23.72
CA GLY E 162 -3.96 18.23 22.77
C GLY E 162 -5.31 18.05 22.11
N MET E 163 -5.42 16.91 21.44
CA MET E 163 -6.63 16.51 20.76
C MET E 163 -7.11 15.22 21.47
N GLN E 164 -8.40 15.13 21.79
CA GLN E 164 -8.89 13.89 22.36
C GLN E 164 -9.52 13.15 21.22
N ILE E 165 -9.63 11.83 21.38
CA ILE E 165 -10.04 10.90 20.33
C ILE E 165 -10.74 9.64 20.86
N LYS E 166 -12.06 9.66 21.01
CA LYS E 166 -12.82 8.50 21.52
C LYS E 166 -12.47 7.24 20.72
N ILE E 167 -11.75 6.31 21.33
CA ILE E 167 -11.40 5.03 20.69
C ILE E 167 -11.17 4.05 21.87
N THR E 168 -10.56 2.87 21.63
CA THR E 168 -10.42 1.90 22.69
C THR E 168 -9.19 1.01 22.52
N ARG E 169 -8.63 0.50 23.63
CA ARG E 169 -7.41 -0.35 23.66
C ARG E 169 -7.43 -1.50 22.65
N GLN E 170 -8.58 -2.16 22.54
CA GLN E 170 -8.75 -3.29 21.60
C GLN E 170 -8.42 -2.76 20.19
N GLU E 171 -8.93 -1.57 19.84
CA GLU E 171 -8.70 -1.01 18.50
C GLU E 171 -7.27 -0.54 18.24
N ILE E 172 -6.57 0.08 19.20
CA ILE E 172 -5.17 0.43 18.92
C ILE E 172 -4.45 -0.90 18.76
N GLY E 173 -4.69 -1.86 19.63
CA GLY E 173 -3.99 -3.11 19.48
C GLY E 173 -4.17 -3.63 18.07
N GLN E 174 -5.37 -3.39 17.54
CA GLN E 174 -5.77 -3.83 16.21
C GLN E 174 -4.90 -3.16 15.17
N ILE E 175 -5.07 -1.83 15.08
CA ILE E 175 -4.42 -0.96 14.10
C ILE E 175 -2.93 -1.16 14.12
N VAL E 176 -2.36 -1.26 15.32
CA VAL E 176 -0.93 -1.52 15.57
C VAL E 176 -0.57 -2.98 15.19
N GLY E 177 -1.32 -3.94 15.73
CA GLY E 177 -1.01 -5.35 15.61
C GLY E 177 -0.34 -5.90 16.87
N CYS E 178 -0.93 -5.64 18.03
CA CYS E 178 -0.41 -6.19 19.29
C CYS E 178 -1.55 -6.43 20.31
N SER E 179 -1.40 -7.50 21.12
CA SER E 179 -2.38 -7.92 22.16
C SER E 179 -3.01 -6.73 22.86
N ARG E 180 -4.30 -6.76 23.14
CA ARG E 180 -4.90 -5.61 23.81
C ARG E 180 -4.36 -5.45 25.22
N PHE E 181 -3.64 -6.45 25.71
CA PHE E 181 -2.99 -6.31 27.01
C PHE E 181 -1.86 -5.30 26.91
N THR E 182 -1.06 -5.40 25.86
CA THR E 182 0.08 -4.56 25.59
C THR E 182 -0.37 -3.11 25.24
N VAL E 183 -1.52 -2.91 24.57
CA VAL E 183 -2.00 -1.52 24.41
C VAL E 183 -2.36 -0.99 25.82
N GLY E 184 -2.70 -1.94 26.69
CA GLY E 184 -3.08 -1.66 28.06
C GLY E 184 -2.09 -0.91 28.90
N ARG E 185 -0.87 -1.44 29.07
CA ARG E 185 0.15 -0.75 29.89
C ARG E 185 0.85 0.39 29.21
N ILE E 186 1.13 0.33 27.91
CA ILE E 186 1.83 1.45 27.23
C ILE E 186 1.05 2.76 27.49
N LEU E 187 -0.25 2.71 27.28
CA LEU E 187 -1.14 3.80 27.56
C LEU E 187 -1.06 4.26 29.01
N LYS E 188 -0.66 3.38 29.92
CA LYS E 188 -0.56 3.75 31.33
C LYS E 188 0.82 4.29 31.69
N MET E 189 1.81 3.91 30.89
CA MET E 189 3.17 4.44 30.94
C MET E 189 3.17 5.92 30.51
N LEU E 190 2.80 6.16 29.26
CA LEU E 190 2.77 7.53 28.72
C LEU E 190 1.79 8.38 29.54
N GLU E 191 0.84 7.70 30.17
CA GLU E 191 -0.11 8.28 31.16
C GLU E 191 0.75 8.96 32.26
N ASP E 192 1.59 8.14 32.88
CA ASP E 192 2.44 8.61 33.95
C ASP E 192 3.39 9.68 33.46
N GLN E 193 4.06 9.46 32.32
CA GLN E 193 4.91 10.51 31.74
C GLN E 193 4.11 11.67 31.14
N ASN E 194 2.90 11.96 31.59
CA ASN E 194 2.15 13.10 31.11
C ASN E 194 1.96 13.33 29.62
N LEU E 195 2.39 12.39 28.78
CA LEU E 195 2.25 12.55 27.33
C LEU E 195 0.79 12.27 26.93
N ILE E 196 0.02 11.61 27.80
CA ILE E 196 -1.36 11.19 27.48
C ILE E 196 -2.25 10.84 28.69
N SER E 197 -3.56 11.01 28.55
CA SER E 197 -4.54 10.59 29.55
C SER E 197 -5.51 9.53 28.94
N ALA E 198 -6.41 8.96 29.75
CA ALA E 198 -7.41 7.99 29.25
C ALA E 198 -8.72 7.99 30.07
N HIS E 199 -9.70 7.22 29.61
CA HIS E 199 -11.04 7.06 30.22
C HIS E 199 -11.87 6.67 29.00
N GLY E 200 -11.45 5.65 28.24
CA GLY E 200 -12.05 5.45 26.91
C GLY E 200 -11.71 6.63 25.97
N LYS E 201 -11.97 7.85 26.42
CA LYS E 201 -11.57 9.07 25.76
C LYS E 201 -10.13 9.27 26.20
N THR E 202 -9.17 8.98 25.35
CA THR E 202 -7.77 9.33 25.63
C THR E 202 -7.50 10.69 25.02
N ILE E 203 -6.97 11.59 25.85
CA ILE E 203 -6.61 12.94 25.44
C ILE E 203 -5.12 12.92 25.15
N VAL E 204 -4.76 13.19 23.91
CA VAL E 204 -3.35 13.23 23.54
C VAL E 204 -2.85 14.66 23.77
N VAL E 205 -2.31 14.84 24.97
CA VAL E 205 -1.62 16.03 25.41
C VAL E 205 -0.42 15.98 24.49
N TYR E 206 -0.51 16.67 23.37
CA TYR E 206 0.55 16.78 22.38
C TYR E 206 0.24 18.13 21.67
N PRO F 9 1.06 1.70 -29.00
CA PRO F 9 -0.32 2.08 -28.69
C PRO F 9 -0.31 3.55 -28.37
N THR F 10 -1.27 3.94 -27.55
CA THR F 10 -1.26 5.24 -26.92
C THR F 10 0.17 5.30 -26.37
N LEU F 11 0.58 4.30 -25.61
CA LEU F 11 1.97 4.34 -25.12
C LEU F 11 2.99 4.05 -26.20
N GLU F 12 3.30 5.16 -26.87
CA GLU F 12 4.39 5.36 -27.84
C GLU F 12 4.19 6.84 -28.24
N TRP F 13 2.96 7.28 -28.08
CA TRP F 13 2.57 8.68 -28.13
C TRP F 13 3.18 9.32 -26.89
N PHE F 14 2.80 8.90 -25.67
CA PHE F 14 3.40 9.51 -24.47
C PHE F 14 4.92 9.24 -24.47
N LEU F 15 5.33 8.04 -24.85
CA LEU F 15 6.75 7.69 -24.82
C LEU F 15 7.66 8.50 -25.70
N SER F 16 7.09 9.14 -26.73
CA SER F 16 7.91 9.95 -27.63
C SER F 16 8.23 11.31 -27.02
N HIS F 17 7.44 11.76 -26.05
CA HIS F 17 7.71 13.05 -25.37
C HIS F 17 8.64 12.80 -24.17
N CYS F 18 9.57 11.84 -24.30
CA CYS F 18 10.33 11.34 -23.16
C CYS F 18 11.81 11.10 -23.46
N HIS F 19 12.69 11.79 -22.74
CA HIS F 19 14.11 11.62 -22.99
C HIS F 19 14.54 10.20 -22.52
N ILE F 20 14.96 9.36 -23.44
CA ILE F 20 15.35 8.00 -23.08
C ILE F 20 16.75 7.78 -22.42
N HIS F 21 16.80 7.55 -21.11
CA HIS F 21 18.10 7.34 -20.41
C HIS F 21 18.40 5.93 -19.98
N LYS F 22 19.66 5.58 -20.06
CA LYS F 22 20.19 4.31 -19.56
C LYS F 22 20.78 4.57 -18.15
N TYR F 23 20.64 3.64 -17.21
CA TYR F 23 21.31 3.79 -15.92
C TYR F 23 22.19 2.60 -15.73
N PRO F 24 23.26 2.77 -14.95
CA PRO F 24 24.11 1.61 -14.67
C PRO F 24 23.50 0.68 -13.59
N SER F 25 24.16 -0.42 -13.28
CA SER F 25 23.70 -1.27 -12.20
C SER F 25 23.93 -0.51 -10.89
N LYS F 26 23.00 -0.67 -9.96
CA LYS F 26 23.10 -0.09 -8.62
C LYS F 26 23.04 1.45 -8.49
N SER F 27 22.83 2.17 -9.60
CA SER F 27 22.61 3.62 -9.59
C SER F 27 21.39 3.90 -8.74
N THR F 28 21.27 5.09 -8.16
CA THR F 28 20.03 5.47 -7.51
C THR F 28 19.29 6.27 -8.60
N LEU F 29 17.97 6.19 -8.64
CA LEU F 29 17.21 6.98 -9.60
C LEU F 29 16.48 8.07 -8.82
N ILE F 30 16.04 7.70 -7.63
CA ILE F 30 15.27 8.58 -6.77
C ILE F 30 15.79 8.36 -5.35
N HIS F 31 15.84 9.40 -4.53
CA HIS F 31 16.10 9.26 -3.10
C HIS F 31 14.75 9.60 -2.49
N GLN F 32 14.43 9.09 -1.29
CA GLN F 32 13.28 9.64 -0.51
C GLN F 32 13.70 11.11 -0.34
N GLY F 33 12.78 12.06 -0.39
CA GLY F 33 13.15 13.46 -0.18
C GLY F 33 13.07 14.33 -1.43
N GLU F 34 14.05 14.21 -2.32
CA GLU F 34 14.13 14.89 -3.61
C GLU F 34 12.78 15.40 -4.14
N LYS F 35 12.81 16.65 -4.57
CA LYS F 35 11.70 17.30 -5.25
C LYS F 35 11.02 16.34 -6.22
N ALA F 36 9.72 16.18 -6.10
CA ALA F 36 9.07 15.30 -7.03
C ALA F 36 8.52 16.10 -8.19
N GLU F 37 9.18 16.03 -9.33
CA GLU F 37 8.59 16.64 -10.50
C GLU F 37 8.74 15.82 -11.78
N THR F 38 9.52 14.75 -11.75
CA THR F 38 9.58 13.90 -12.91
C THR F 38 9.00 12.52 -12.68
N LEU F 39 8.14 12.18 -13.62
CA LEU F 39 7.42 10.93 -13.71
C LEU F 39 8.27 10.10 -14.69
N TYR F 40 8.84 8.99 -14.23
CA TYR F 40 9.72 8.15 -15.05
C TYR F 40 8.92 7.05 -15.75
N TYR F 41 9.57 6.20 -16.53
CA TYR F 41 8.91 5.03 -17.14
C TYR F 41 9.97 4.05 -17.57
N ILE F 42 9.95 2.87 -16.97
CA ILE F 42 10.96 1.86 -17.28
C ILE F 42 10.66 1.26 -18.64
N VAL F 43 11.58 1.47 -19.55
CA VAL F 43 11.52 0.93 -20.90
C VAL F 43 12.12 -0.48 -20.91
N LYS F 44 13.20 -0.70 -20.17
CA LYS F 44 13.89 -1.99 -20.10
C LYS F 44 14.47 -2.04 -18.70
N GLY F 45 14.92 -3.19 -18.22
CA GLY F 45 15.50 -3.24 -16.88
C GLY F 45 14.49 -3.44 -15.75
N SER F 46 15.00 -3.75 -14.56
CA SER F 46 14.17 -3.99 -13.39
C SER F 46 14.65 -3.02 -12.33
N VAL F 47 13.90 -2.90 -11.25
CA VAL F 47 14.19 -1.85 -10.32
C VAL F 47 13.66 -2.21 -8.91
N ALA F 48 14.44 -2.08 -7.84
CA ALA F 48 13.93 -2.26 -6.46
C ALA F 48 13.56 -0.91 -5.81
N VAL F 49 12.42 -0.84 -5.15
CA VAL F 49 11.88 0.39 -4.54
C VAL F 49 11.97 0.23 -3.02
N LEU F 50 12.91 0.91 -2.34
CA LEU F 50 13.12 0.72 -0.88
C LEU F 50 12.62 1.84 -0.01
N ILE F 51 12.71 1.61 1.30
CA ILE F 51 12.65 2.66 2.29
C ILE F 51 13.66 2.30 3.38
N LYS F 52 14.15 3.33 4.07
CA LYS F 52 15.25 3.20 5.03
C LYS F 52 14.94 4.06 6.28
N ASP F 53 15.52 3.66 7.43
CA ASP F 53 15.36 4.30 8.75
C ASP F 53 16.60 5.12 9.07
N GLU F 54 16.40 6.30 9.66
CA GLU F 54 17.49 7.20 10.08
C GLU F 54 18.63 6.45 10.72
N GLU F 55 18.31 5.42 11.50
CA GLU F 55 19.34 4.55 12.10
C GLU F 55 20.04 3.74 10.99
N GLY F 56 19.27 3.19 10.06
CA GLY F 56 19.90 2.57 8.92
C GLY F 56 19.26 1.41 8.20
N LYS F 57 18.60 0.50 8.93
CA LYS F 57 18.05 -0.71 8.30
C LYS F 57 17.04 -0.30 7.22
N GLU F 58 16.98 -1.06 6.14
CA GLU F 58 16.11 -0.73 5.02
C GLU F 58 15.10 -1.85 4.79
N MET F 59 14.24 -1.62 3.79
CA MET F 59 13.28 -2.62 3.39
C MET F 59 13.11 -2.44 1.91
N ILE F 60 12.87 -3.59 1.26
CA ILE F 60 12.47 -3.70 -0.14
C ILE F 60 10.98 -3.59 -0.04
N LEU F 61 10.33 -2.67 -0.73
CA LEU F 61 8.85 -2.55 -0.64
C LEU F 61 8.16 -2.76 -2.00
N SER F 62 8.84 -3.46 -2.92
CA SER F 62 8.42 -3.82 -4.28
C SER F 62 9.56 -3.89 -5.27
N TYR F 63 9.32 -4.64 -6.34
CA TYR F 63 10.20 -4.65 -7.47
C TYR F 63 9.30 -4.06 -8.55
N LEU F 64 9.89 -3.62 -9.65
CA LEU F 64 9.13 -3.11 -10.75
C LEU F 64 9.92 -3.52 -11.98
N ASN F 65 9.30 -3.39 -13.15
CA ASN F 65 9.84 -4.02 -14.34
C ASN F 65 9.27 -3.27 -15.55
N GLN F 66 9.71 -3.71 -16.75
CA GLN F 66 9.36 -3.06 -18.04
C GLN F 66 7.96 -2.48 -18.01
N GLY F 67 7.74 -1.35 -18.66
CA GLY F 67 6.41 -0.83 -18.71
C GLY F 67 5.85 -0.54 -17.34
N ASP F 68 6.67 -0.55 -16.28
CA ASP F 68 6.11 -0.05 -15.03
C ASP F 68 6.44 1.42 -14.98
N PHE F 69 5.47 2.29 -14.73
CA PHE F 69 5.80 3.72 -14.50
C PHE F 69 6.55 3.89 -13.13
N ILE F 70 7.35 4.96 -12.94
CA ILE F 70 7.94 5.29 -11.62
C ILE F 70 7.54 6.74 -11.26
N GLY F 71 7.92 7.20 -10.08
CA GLY F 71 7.55 8.54 -9.66
C GLY F 71 6.11 9.00 -9.86
N GLU F 72 5.17 8.08 -9.95
CA GLU F 72 3.72 8.37 -10.15
C GLU F 72 3.04 9.16 -9.03
N LEU F 73 3.59 9.07 -7.82
CA LEU F 73 2.92 9.57 -6.63
C LEU F 73 2.88 11.04 -6.42
N GLY F 74 3.79 11.77 -7.05
CA GLY F 74 3.80 13.22 -6.91
C GLY F 74 2.64 13.86 -7.60
N LEU F 75 2.63 13.74 -8.93
CA LEU F 75 1.62 14.22 -9.87
C LEU F 75 0.21 14.63 -9.45
N PHE F 76 -0.42 13.94 -8.50
CA PHE F 76 -1.78 14.34 -8.09
C PHE F 76 -1.77 15.46 -7.12
N GLU F 77 -0.66 15.68 -6.46
CA GLU F 77 -0.53 16.79 -5.55
C GLU F 77 0.77 17.59 -5.78
N GLU F 78 0.73 18.91 -5.61
CA GLU F 78 1.93 19.65 -5.95
C GLU F 78 3.02 19.88 -4.92
N GLY F 79 4.22 19.48 -5.37
CA GLY F 79 5.43 19.60 -4.59
C GLY F 79 5.50 18.76 -3.35
N GLN F 80 5.86 17.50 -3.52
CA GLN F 80 5.93 16.58 -2.38
C GLN F 80 7.21 15.82 -2.55
N GLU F 81 7.72 15.26 -1.47
CA GLU F 81 9.00 14.58 -1.55
C GLU F 81 8.80 13.15 -2.03
N ARG F 82 9.74 12.67 -2.85
CA ARG F 82 9.79 11.29 -3.29
C ARG F 82 9.65 10.45 -2.04
N SER F 83 8.76 9.45 -2.14
CA SER F 83 8.30 8.63 -1.04
C SER F 83 9.16 7.43 -0.71
N ALA F 84 10.01 7.01 -1.62
CA ALA F 84 10.82 5.84 -1.33
C ALA F 84 12.07 5.99 -2.15
N TRP F 85 13.01 5.08 -2.01
CA TRP F 85 14.15 5.10 -2.88
C TRP F 85 13.72 4.20 -4.03
N VAL F 86 14.57 4.06 -5.06
CA VAL F 86 14.45 3.10 -6.17
C VAL F 86 15.89 3.02 -6.74
N ARG F 87 16.46 1.83 -6.80
CA ARG F 87 17.80 1.62 -7.36
C ARG F 87 17.72 0.53 -8.44
N ALA F 88 18.25 0.81 -9.61
CA ALA F 88 18.23 -0.15 -10.69
C ALA F 88 18.77 -1.48 -10.18
N LYS F 89 17.97 -2.52 -10.35
CA LYS F 89 18.40 -3.84 -9.93
C LYS F 89 19.40 -4.26 -10.97
N THR F 90 19.18 -3.75 -12.17
CA THR F 90 20.08 -3.97 -13.29
C THR F 90 19.87 -2.88 -14.32
N ALA F 91 20.70 -2.90 -15.37
CA ALA F 91 20.68 -1.88 -16.42
C ALA F 91 19.28 -1.64 -16.94
N CYS F 92 18.84 -0.40 -16.86
CA CYS F 92 17.51 -0.02 -17.27
C CYS F 92 17.55 1.07 -18.33
N GLU F 93 16.54 1.06 -19.19
CA GLU F 93 16.30 2.13 -20.11
C GLU F 93 15.05 2.74 -19.47
N VAL F 94 15.13 3.95 -18.90
CA VAL F 94 13.99 4.66 -18.30
C VAL F 94 13.74 5.94 -19.11
N ALA F 95 12.49 6.33 -19.27
CA ALA F 95 12.07 7.52 -20.05
C ALA F 95 11.68 8.54 -19.02
N GLU F 96 11.44 9.79 -19.44
CA GLU F 96 10.90 10.75 -18.49
C GLU F 96 10.27 12.04 -18.96
N ILE F 97 9.30 12.47 -18.17
CA ILE F 97 8.47 13.63 -18.47
C ILE F 97 8.33 14.39 -17.18
N SER F 98 8.07 15.68 -17.32
CA SER F 98 7.92 16.48 -16.13
C SER F 98 6.51 16.22 -15.74
N TYR F 99 6.14 16.50 -14.52
CA TYR F 99 4.72 16.36 -14.24
C TYR F 99 4.06 17.45 -15.07
N LYS F 100 4.58 18.67 -14.99
CA LYS F 100 3.99 19.84 -15.63
C LYS F 100 3.59 19.56 -17.06
N LYS F 101 4.38 18.74 -17.73
CA LYS F 101 4.08 18.24 -19.08
C LYS F 101 3.10 17.05 -19.06
N PHE F 102 3.41 15.98 -18.32
CA PHE F 102 2.57 14.74 -18.24
C PHE F 102 1.06 14.97 -18.22
N ARG F 103 0.65 15.73 -17.22
CA ARG F 103 -0.74 16.11 -17.03
C ARG F 103 -1.38 16.66 -18.30
N GLN F 104 -0.56 16.97 -19.32
CA GLN F 104 -0.99 17.48 -20.62
C GLN F 104 -1.30 16.33 -21.53
N LEU F 105 -0.39 15.36 -21.57
CA LEU F 105 -0.64 14.17 -22.33
C LEU F 105 -2.01 13.73 -21.83
N ILE F 106 -2.21 13.84 -20.50
CA ILE F 106 -3.47 13.42 -19.89
C ILE F 106 -4.68 14.16 -20.45
N GLN F 107 -4.70 15.48 -20.39
CA GLN F 107 -5.86 16.15 -20.93
C GLN F 107 -5.77 16.27 -22.45
N VAL F 108 -4.83 15.58 -23.10
CA VAL F 108 -4.88 15.45 -24.57
C VAL F 108 -5.29 14.01 -25.04
N ASN F 109 -5.14 12.97 -24.17
CA ASN F 109 -5.79 11.62 -24.32
C ASN F 109 -5.81 10.75 -23.04
N PRO F 110 -6.99 10.64 -22.38
CA PRO F 110 -7.09 10.11 -21.02
C PRO F 110 -6.84 8.63 -20.78
N ASP F 111 -6.40 7.90 -21.80
CA ASP F 111 -6.18 6.47 -21.61
C ASP F 111 -4.95 6.25 -20.78
N ILE F 112 -3.91 7.09 -20.93
CA ILE F 112 -2.69 6.87 -20.13
C ILE F 112 -2.97 7.05 -18.65
N LEU F 113 -3.88 7.95 -18.28
CA LEU F 113 -4.16 8.03 -16.84
C LEU F 113 -4.92 6.77 -16.38
N MET F 114 -5.41 6.01 -17.35
CA MET F 114 -5.95 4.73 -17.01
C MET F 114 -4.73 3.87 -16.79
N ARG F 115 -3.94 3.62 -17.83
CA ARG F 115 -2.69 2.83 -17.72
C ARG F 115 -1.97 2.98 -16.37
N LEU F 116 -1.78 4.22 -15.97
CA LEU F 116 -1.06 4.59 -14.76
C LEU F 116 -1.82 4.14 -13.51
N SER F 117 -3.09 4.53 -13.36
CA SER F 117 -3.83 4.22 -12.16
C SER F 117 -3.97 2.74 -11.87
N ALA F 118 -4.19 1.94 -12.91
CA ALA F 118 -4.30 0.49 -12.76
C ALA F 118 -2.97 0.00 -12.24
N GLN F 119 -1.91 0.74 -12.52
CA GLN F 119 -0.65 0.32 -11.97
C GLN F 119 -0.80 0.45 -10.48
N MET F 120 -1.09 1.64 -9.96
CA MET F 120 -1.00 1.75 -8.51
C MET F 120 -2.16 1.06 -7.76
N ALA F 121 -3.13 0.56 -8.54
CA ALA F 121 -4.26 -0.25 -8.01
C ALA F 121 -3.77 -1.65 -7.67
N ARG F 122 -3.17 -2.36 -8.62
CA ARG F 122 -2.59 -3.63 -8.29
C ARG F 122 -1.64 -3.38 -7.10
N ARG F 123 -0.87 -2.29 -7.18
CA ARG F 123 0.05 -1.86 -6.12
C ARG F 123 -0.61 -1.62 -4.77
N LEU F 124 -1.76 -0.96 -4.70
CA LEU F 124 -2.38 -0.74 -3.39
C LEU F 124 -2.80 -2.09 -2.82
N GLN F 125 -3.17 -3.02 -3.71
CA GLN F 125 -3.55 -4.39 -3.35
C GLN F 125 -2.36 -5.14 -2.80
N VAL F 126 -1.31 -5.34 -3.60
CA VAL F 126 -0.12 -6.09 -3.18
C VAL F 126 0.48 -5.59 -1.86
N THR F 127 0.34 -4.28 -1.62
CA THR F 127 0.93 -3.62 -0.45
C THR F 127 0.10 -3.98 0.77
N SER F 128 -1.23 -3.90 0.66
CA SER F 128 -2.16 -4.26 1.76
C SER F 128 -2.11 -5.75 2.23
N GLU F 129 -1.75 -6.65 1.34
CA GLU F 129 -1.34 -7.98 1.70
C GLU F 129 -0.08 -7.81 2.57
N LYS F 130 0.97 -7.17 2.04
CA LYS F 130 2.24 -6.99 2.78
C LYS F 130 2.07 -6.49 4.24
N VAL F 131 1.19 -5.49 4.50
CA VAL F 131 0.88 -5.12 5.88
C VAL F 131 0.33 -6.35 6.56
N GLY F 132 -0.70 -6.93 5.94
CA GLY F 132 -1.40 -8.09 6.48
C GLY F 132 -0.46 -9.19 6.89
N ASN F 133 0.50 -9.60 6.07
CA ASN F 133 1.33 -10.68 6.54
C ASN F 133 2.60 -10.25 7.31
N LEU F 134 2.52 -9.08 7.94
CA LEU F 134 3.55 -8.62 8.89
C LEU F 134 2.89 -8.61 10.28
N ALA F 135 1.60 -8.38 10.29
CA ALA F 135 0.87 -8.41 11.54
C ALA F 135 0.43 -9.83 11.86
N PHE F 136 0.46 -10.70 10.85
CA PHE F 136 -0.01 -12.06 11.03
C PHE F 136 1.16 -13.06 10.89
N LEU F 137 1.51 -13.47 9.69
CA LEU F 137 2.44 -14.59 9.51
C LEU F 137 3.87 -14.39 10.03
N ASP F 138 4.33 -15.29 10.91
CA ASP F 138 5.69 -15.25 11.42
C ASP F 138 6.72 -15.48 10.29
N VAL F 139 7.98 -15.17 10.59
CA VAL F 139 9.05 -15.27 9.63
C VAL F 139 8.89 -16.41 8.64
N THR F 140 8.97 -17.64 9.14
CA THR F 140 8.74 -18.88 8.36
C THR F 140 7.55 -18.75 7.37
N GLY F 141 6.45 -18.25 7.85
CA GLY F 141 5.35 -17.95 6.98
C GLY F 141 5.75 -16.89 5.98
N ARG F 142 6.17 -15.71 6.44
CA ARG F 142 6.45 -14.57 5.58
C ARG F 142 7.41 -14.99 4.51
N ILE F 143 8.42 -15.77 4.93
CA ILE F 143 9.49 -16.28 4.07
C ILE F 143 8.88 -17.20 3.02
N ALA F 144 7.98 -18.05 3.47
CA ALA F 144 7.39 -19.03 2.58
C ALA F 144 6.66 -18.45 1.39
N GLN F 145 5.63 -17.65 1.59
CA GLN F 145 4.93 -17.15 0.43
C GLN F 145 5.81 -16.21 -0.40
N THR F 146 6.94 -15.79 0.15
CA THR F 146 7.87 -14.93 -0.59
C THR F 146 8.52 -15.71 -1.73
N LEU F 147 9.27 -16.76 -1.41
CA LEU F 147 9.94 -17.57 -2.43
C LEU F 147 8.93 -17.93 -3.50
N LEU F 148 7.68 -18.11 -3.04
CA LEU F 148 6.52 -18.38 -3.87
C LEU F 148 6.35 -17.23 -4.86
N ASN F 149 6.09 -16.02 -4.38
CA ASN F 149 5.93 -14.91 -5.32
C ASN F 149 7.19 -14.71 -6.12
N LEU F 150 8.33 -15.18 -5.63
CA LEU F 150 9.57 -14.98 -6.37
C LEU F 150 9.77 -15.97 -7.53
N ALA F 151 8.67 -16.53 -8.02
CA ALA F 151 8.67 -17.36 -9.21
C ALA F 151 7.48 -16.95 -10.12
N LYS F 152 6.65 -16.03 -9.64
CA LYS F 152 5.54 -15.49 -10.42
C LYS F 152 5.99 -14.12 -10.90
N GLN F 153 7.22 -14.07 -11.40
CA GLN F 153 7.86 -12.81 -11.74
C GLN F 153 9.31 -13.19 -12.08
N PRO F 154 9.88 -12.56 -13.13
CA PRO F 154 10.96 -13.16 -13.94
C PRO F 154 12.41 -13.35 -13.35
N ASP F 155 12.87 -14.59 -13.46
CA ASP F 155 14.22 -15.06 -13.13
C ASP F 155 14.17 -16.52 -12.70
N ALA F 156 12.96 -17.06 -12.70
CA ALA F 156 12.70 -18.40 -12.19
C ALA F 156 13.05 -19.59 -13.13
N MET F 157 14.34 -19.94 -13.23
CA MET F 157 14.76 -21.07 -14.08
C MET F 157 13.96 -22.32 -13.67
N THR F 158 13.12 -22.77 -14.59
CA THR F 158 12.39 -24.00 -14.37
C THR F 158 13.48 -25.10 -14.37
N HIS F 159 14.09 -25.29 -13.20
CA HIS F 159 15.09 -26.31 -12.95
C HIS F 159 14.40 -27.67 -13.15
N PRO F 160 14.85 -28.47 -14.12
CA PRO F 160 14.09 -28.60 -15.38
C PRO F 160 12.62 -28.38 -15.08
N ASP F 161 12.08 -29.24 -14.25
CA ASP F 161 10.73 -29.03 -13.80
C ASP F 161 10.87 -28.47 -12.35
N GLY F 162 10.63 -27.16 -12.21
CA GLY F 162 10.64 -26.50 -10.91
C GLY F 162 11.53 -25.25 -10.82
N MET F 163 11.10 -24.20 -10.13
CA MET F 163 11.87 -22.96 -10.15
C MET F 163 13.22 -22.97 -9.48
N GLN F 164 14.07 -22.04 -9.94
CA GLN F 164 15.43 -21.80 -9.45
C GLN F 164 15.78 -20.32 -9.59
N ILE F 165 15.31 -19.53 -8.66
CA ILE F 165 15.63 -18.12 -8.68
C ILE F 165 16.97 -17.97 -7.97
N LYS F 166 17.59 -16.82 -8.09
CA LYS F 166 18.74 -16.50 -7.25
C LYS F 166 18.26 -15.23 -6.55
N ILE F 167 18.49 -15.18 -5.23
CA ILE F 167 18.25 -14.01 -4.36
C ILE F 167 19.00 -14.45 -3.09
N THR F 168 19.86 -13.60 -2.54
CA THR F 168 20.70 -13.95 -1.39
C THR F 168 19.85 -13.93 -0.10
N ARG F 169 20.25 -14.67 0.93
CA ARG F 169 19.48 -14.73 2.18
C ARG F 169 19.31 -13.32 2.79
N GLN F 170 20.38 -12.54 2.66
CA GLN F 170 20.41 -11.18 3.13
C GLN F 170 19.28 -10.41 2.45
N GLU F 171 19.09 -10.67 1.16
CA GLU F 171 18.01 -10.04 0.36
C GLU F 171 16.61 -10.45 0.79
N ILE F 172 16.39 -11.76 0.85
CA ILE F 172 15.13 -12.32 1.29
C ILE F 172 14.81 -11.61 2.58
N GLY F 173 15.80 -11.60 3.47
CA GLY F 173 15.73 -10.91 4.76
C GLY F 173 15.31 -9.46 4.69
N GLN F 174 15.72 -8.80 3.62
CA GLN F 174 15.35 -7.42 3.35
C GLN F 174 13.95 -7.30 2.68
N ILE F 175 13.36 -8.40 2.23
CA ILE F 175 11.95 -8.42 1.72
C ILE F 175 10.98 -8.65 2.88
N VAL F 176 11.41 -9.53 3.76
CA VAL F 176 10.63 -10.04 4.88
C VAL F 176 10.64 -9.17 6.09
N GLY F 177 11.80 -8.58 6.38
CA GLY F 177 11.96 -7.75 7.58
C GLY F 177 12.45 -8.52 8.80
N CYS F 178 13.36 -9.45 8.59
CA CYS F 178 13.80 -10.32 9.65
C CYS F 178 15.31 -10.36 9.50
N SER F 179 16.02 -10.69 10.58
CA SER F 179 17.48 -10.71 10.55
C SER F 179 18.01 -11.53 9.40
N ARG F 180 19.19 -11.16 8.93
CA ARG F 180 19.85 -12.01 7.94
C ARG F 180 20.07 -13.37 8.58
N PHE F 181 20.31 -13.37 9.90
CA PHE F 181 20.69 -14.56 10.66
C PHE F 181 19.53 -15.55 10.75
N THR F 182 18.35 -15.05 11.07
CA THR F 182 17.18 -15.88 11.05
C THR F 182 16.95 -16.41 9.60
N VAL F 183 16.89 -15.56 8.56
CA VAL F 183 16.74 -16.04 7.18
C VAL F 183 17.69 -17.16 6.76
N GLY F 184 18.82 -17.27 7.44
CA GLY F 184 19.71 -18.39 7.19
C GLY F 184 19.07 -19.71 7.65
N ARG F 185 18.89 -19.85 8.96
CA ARG F 185 18.45 -21.09 9.62
C ARG F 185 17.12 -21.65 9.24
N ILE F 186 16.20 -20.74 9.00
CA ILE F 186 14.85 -21.08 8.63
C ILE F 186 14.85 -21.59 7.19
N LEU F 187 15.50 -20.85 6.30
CA LEU F 187 15.57 -21.23 4.89
C LEU F 187 16.27 -22.60 4.84
N LYS F 188 17.32 -22.72 5.67
CA LYS F 188 18.12 -23.94 5.78
C LYS F 188 17.24 -25.11 6.17
N MET F 189 16.78 -25.10 7.41
CA MET F 189 15.94 -26.17 7.92
C MET F 189 14.56 -26.18 7.21
N LEU F 190 14.40 -25.32 6.20
CA LEU F 190 13.27 -25.38 5.28
C LEU F 190 13.53 -26.46 4.21
N GLU F 191 14.80 -26.66 3.85
CA GLU F 191 15.14 -27.81 3.00
C GLU F 191 15.08 -29.12 3.79
N ASP F 192 15.21 -29.03 5.12
CA ASP F 192 15.09 -30.22 6.00
C ASP F 192 13.77 -30.88 5.69
N GLN F 193 12.72 -30.06 5.64
CA GLN F 193 11.38 -30.50 5.23
C GLN F 193 11.37 -30.84 3.72
N ASN F 194 12.54 -31.07 3.13
CA ASN F 194 12.68 -31.32 1.71
C ASN F 194 11.99 -30.30 0.80
N LEU F 195 11.71 -29.10 1.30
CA LEU F 195 10.93 -28.16 0.49
C LEU F 195 11.78 -27.18 -0.36
N ILE F 196 13.08 -27.14 -0.11
CA ILE F 196 13.87 -26.10 -0.74
C ILE F 196 15.27 -26.56 -1.04
N SER F 197 16.03 -25.70 -1.72
CA SER F 197 17.37 -25.99 -2.22
C SER F 197 18.30 -24.76 -2.01
N ALA F 198 19.61 -24.91 -2.18
CA ALA F 198 20.49 -23.79 -1.88
C ALA F 198 21.81 -23.61 -2.66
N HIS F 199 22.48 -22.53 -2.25
CA HIS F 199 23.83 -21.99 -2.57
C HIS F 199 23.71 -20.45 -2.61
N GLY F 200 22.83 -19.97 -3.47
CA GLY F 200 22.56 -18.54 -3.65
C GLY F 200 21.25 -18.65 -4.42
N LYS F 201 21.23 -19.55 -5.39
CA LYS F 201 20.00 -19.94 -6.08
C LYS F 201 19.14 -20.87 -5.21
N THR F 202 17.89 -20.49 -5.11
CA THR F 202 16.96 -21.27 -4.41
C THR F 202 16.09 -21.88 -5.54
N ILE F 203 16.16 -23.21 -5.63
CA ILE F 203 15.36 -24.06 -6.55
C ILE F 203 14.04 -24.43 -5.82
N VAL F 204 13.00 -23.68 -6.13
CA VAL F 204 11.77 -23.78 -5.40
C VAL F 204 10.88 -24.75 -6.10
N VAL F 205 9.82 -25.07 -5.37
CA VAL F 205 8.68 -25.90 -5.74
C VAL F 205 8.89 -27.33 -5.38
N TYR F 206 10.12 -27.81 -5.32
CA TYR F 206 10.37 -29.17 -4.84
C TYR F 206 11.34 -29.15 -3.67
N GLY F 207 12.64 -29.11 -3.95
CA GLY F 207 13.62 -29.11 -2.89
C GLY F 207 14.38 -30.43 -2.77
N THR F 208 14.84 -30.72 -1.56
CA THR F 208 15.61 -31.91 -1.17
C THR F 208 16.22 -31.63 0.23
N ARG F 209 16.99 -32.57 0.76
CA ARG F 209 17.81 -32.39 1.98
C ARG F 209 18.98 -33.37 1.91
P CMP G . -12.04 -3.00 -3.49
O1P CMP G . -13.46 -2.91 -4.00
O2P CMP G . -10.97 -3.73 -4.24
O5' CMP G . -12.08 -3.82 -2.13
C5' CMP G . -11.47 -3.34 -0.87
C4' CMP G . -11.70 -1.86 -0.73
O4' CMP G . -11.10 -1.34 0.46
C3' CMP G . -10.94 -1.26 -1.89
O3' CMP G . -11.68 -1.48 -3.10
C2' CMP G . -10.45 0.09 -1.37
O2' CMP G . -11.26 1.21 -1.70
C1' CMP G . -10.33 -0.19 0.14
N9 CMP G . -8.94 -0.48 0.45
C8 CMP G . -8.27 -1.64 0.19
N7 CMP G . -7.00 -1.59 0.53
C5 CMP G . -6.85 -0.31 1.05
C6 CMP G . -5.76 0.37 1.58
N6 CMP G . -4.56 -0.16 1.66
N1 CMP G . -5.95 1.60 2.03
C2 CMP G . -7.14 2.15 1.96
N3 CMP G . -8.23 1.64 1.48
C4 CMP G . -8.03 0.38 1.03
P CMP H . 7.44 8.33 -5.50
O1P CMP H . 7.44 9.26 -6.67
O2P CMP H . 6.56 8.65 -4.32
O5' CMP H . 8.88 7.85 -4.93
C5' CMP H . 9.31 6.44 -4.77
C4' CMP H . 8.60 5.57 -5.76
O4' CMP H . 8.61 4.16 -5.43
C3' CMP H . 7.12 5.84 -5.68
O3' CMP H . 6.95 7.06 -6.26
C2' CMP H . 6.56 4.70 -6.48
O2' CMP H . 6.75 4.79 -7.88
C1' CMP H . 7.37 3.57 -5.88
N9 CMP H . 6.53 3.13 -4.77
C8 CMP H . 6.05 3.88 -3.75
N7 CMP H . 5.31 3.22 -2.91
C5 CMP H . 5.30 1.94 -3.44
C6 CMP H . 4.68 0.75 -3.03
N6 CMP H . 3.87 0.64 -2.00
N1 CMP H . 4.92 -0.34 -3.75
C2 CMP H . 5.66 -0.25 -4.82
N3 CMP H . 6.25 0.79 -5.34
C4 CMP H . 6.04 1.87 -4.57
#